data_6BKN
#
_entry.id   6BKN
#
_cell.length_a   100.334
_cell.length_b   100.333
_cell.length_c   385.597
_cell.angle_alpha   90.00
_cell.angle_beta   90.00
_cell.angle_gamma   120.00
#
_symmetry.space_group_name_H-M   'H 3 2'
#
loop_
_entity.id
_entity.type
_entity.pdbx_description
1 polymer Hemagglutinin
2 polymer Hemagglutinin
3 branched beta-D-mannopyranose-(1-4)-2-acetamido-2-deoxy-beta-D-glucopyranose-(1-4)-2-acetamido-2-deoxy-beta-D-glucopyranose
4 branched alpha-D-mannopyranose-(1-3)-[alpha-D-mannopyranose-(1-6)]beta-D-mannopyranose-(1-4)-2-acetamido-2-deoxy-beta-D-glucopyranose-(1-4)-2-acetamido-2-deoxy-beta-D-glucopyranose
5 branched 2-acetamido-2-deoxy-beta-D-glucopyranose-(1-4)-2-acetamido-2-deoxy-beta-D-glucopyranose
6 non-polymer 2-acetamido-2-deoxy-beta-D-glucopyranose
7 water water
#
loop_
_entity_poly.entity_id
_entity_poly.type
_entity_poly.pdbx_seq_one_letter_code
_entity_poly.pdbx_strand_id
1 'polypeptide(L)'
;ADPGATLCLGHHAVPNGTIVKTITNDQIEVTNATELVQSSSTGGICDSPHQILDGENCTLIDALLGDPQCDGFQNKKWDL
FVERSKAYSNCYPYDVPDYASLRSLVASSGTLEFNNESFNWAGVTQNGTSSACKRRSNKSFFSRLNWLTHLKYKYPALNV
TMPNNEKFDKLYIWGVHHPVTDSDQISLYAQASGRITVSTKRSQQTVIPNIGFRPRVRDISSRISIYWTIVKPGDILLIN
STGNLIAPRGYFKIRSGKSSIMRSDAPIGKCNSECITPNGSIPNDKPFQNVNRITYGACPRYVKQNTLKLATGMRNVPEK
QTR
;
A
2 'polypeptide(L)'
;GIFGAIAGFIENGWEGMVDGWYGFRHQNSEGTGQAADLKSTQAAINQINGKLNRLIGKTNEKFHQIEKEFSEVEGRIQDL
EKYVEDTKIDLWSYNAELLVALENQHTIDLTDSEMNKLFERTKKQLRENAEDMGNGCFKIYHKCDNACIESIRNGTYDHD
VYRDEALNNRFQIK
;
B
#
# COMPACT_ATOMS: atom_id res chain seq x y z
N PRO A 3 44.95 -29.06 -39.39
CA PRO A 3 43.55 -29.10 -38.97
C PRO A 3 43.13 -27.89 -38.07
N GLY A 4 43.80 -27.71 -36.93
CA GLY A 4 43.58 -26.56 -36.07
C GLY A 4 42.48 -26.80 -35.07
N ALA A 5 41.72 -25.75 -34.76
CA ALA A 5 40.61 -25.85 -33.83
C ALA A 5 39.54 -24.85 -34.14
N THR A 6 38.39 -25.06 -33.52
CA THR A 6 37.31 -24.07 -33.57
CA THR A 6 37.27 -24.11 -33.57
C THR A 6 36.91 -23.70 -32.14
N LEU A 7 36.69 -22.42 -31.93
CA LEU A 7 36.28 -21.90 -30.63
C LEU A 7 35.08 -21.00 -30.86
N CYS A 8 33.94 -21.39 -30.28
CA CYS A 8 32.67 -20.73 -30.42
C CYS A 8 32.27 -20.04 -29.12
N LEU A 9 31.84 -18.78 -29.25
CA LEU A 9 31.36 -18.02 -28.13
C LEU A 9 29.85 -18.12 -28.13
N GLY A 10 29.26 -18.20 -26.96
CA GLY A 10 27.82 -18.27 -26.88
C GLY A 10 27.24 -17.96 -25.52
N HIS A 11 25.95 -18.22 -25.42
CA HIS A 11 25.18 -17.90 -24.26
C HIS A 11 24.14 -18.96 -24.01
N HIS A 12 23.60 -18.99 -22.80
CA HIS A 12 22.63 -19.98 -22.43
C HIS A 12 21.24 -19.70 -23.00
N ALA A 13 20.39 -20.70 -22.92
CA ALA A 13 18.98 -20.58 -23.25
C ALA A 13 18.26 -21.58 -22.36
N VAL A 14 16.94 -21.44 -22.25
CA VAL A 14 16.11 -22.39 -21.48
C VAL A 14 15.00 -22.90 -22.38
N PRO A 15 14.47 -24.10 -22.07
CA PRO A 15 13.36 -24.59 -22.87
C PRO A 15 12.10 -23.76 -22.59
N ASN A 16 11.88 -23.37 -21.33
CA ASN A 16 10.68 -22.65 -20.87
C ASN A 16 10.92 -21.16 -20.57
N GLY A 17 10.95 -20.30 -21.58
CA GLY A 17 11.16 -18.84 -21.35
C GLY A 17 9.90 -18.11 -20.88
N THR A 18 9.98 -16.80 -20.63
CA THR A 18 8.83 -16.01 -20.16
C THR A 18 8.68 -14.77 -21.05
N ILE A 19 7.43 -14.43 -21.36
CA ILE A 19 7.14 -13.33 -22.28
C ILE A 19 7.09 -12.02 -21.51
N VAL A 20 7.86 -11.02 -21.96
CA VAL A 20 7.82 -9.70 -21.36
C VAL A 20 7.56 -8.63 -22.41
N LYS A 21 7.27 -7.43 -21.94
CA LYS A 21 7.13 -6.26 -22.82
C LYS A 21 8.38 -5.37 -22.78
N THR A 22 8.67 -4.74 -23.91
CA THR A 22 9.76 -3.80 -24.00
C THR A 22 9.24 -2.52 -24.67
N ILE A 23 10.14 -1.58 -24.93
CA ILE A 23 9.79 -0.37 -25.65
C ILE A 23 9.35 -0.63 -27.09
N THR A 24 9.95 -1.60 -27.74
CA THR A 24 9.72 -1.86 -29.17
C THR A 24 8.92 -3.13 -29.46
N ASN A 25 8.54 -3.89 -28.44
CA ASN A 25 7.85 -5.16 -28.71
C ASN A 25 6.99 -5.51 -27.53
N ASP A 26 5.72 -5.77 -27.76
CA ASP A 26 4.85 -6.15 -26.64
C ASP A 26 5.07 -7.59 -26.15
N GLN A 27 5.75 -8.44 -26.94
CA GLN A 27 5.96 -9.85 -26.62
C GLN A 27 7.35 -10.32 -27.02
N ILE A 28 8.26 -10.36 -26.08
CA ILE A 28 9.56 -10.94 -26.36
CA ILE A 28 9.65 -10.83 -26.26
C ILE A 28 9.91 -11.91 -25.23
N GLU A 29 10.46 -13.05 -25.63
CA GLU A 29 10.78 -14.10 -24.70
C GLU A 29 12.18 -13.89 -24.09
N VAL A 30 12.23 -13.89 -22.76
CA VAL A 30 13.47 -13.87 -21.99
C VAL A 30 13.63 -15.17 -21.19
N THR A 31 14.82 -15.40 -20.66
CA THR A 31 15.10 -16.64 -19.95
C THR A 31 14.39 -16.68 -18.59
N ASN A 32 14.12 -15.53 -18.00
CA ASN A 32 13.55 -15.48 -16.66
C ASN A 32 12.99 -14.09 -16.44
N ALA A 33 11.98 -14.03 -15.58
CA ALA A 33 11.38 -12.77 -15.21
C ALA A 33 10.79 -12.85 -13.81
N THR A 34 10.48 -11.69 -13.26
CA THR A 34 9.86 -11.63 -11.93
C THR A 34 8.63 -10.71 -11.99
N GLU A 35 7.59 -11.08 -11.24
CA GLU A 35 6.33 -10.33 -11.21
C GLU A 35 6.45 -9.11 -10.31
N LEU A 36 6.07 -7.94 -10.80
CA LEU A 36 6.12 -6.70 -9.99
C LEU A 36 4.78 -6.24 -9.39
N VAL A 37 3.67 -6.90 -9.75
CA VAL A 37 2.34 -6.56 -9.23
C VAL A 37 1.82 -7.67 -8.33
N GLN A 38 1.57 -7.32 -7.07
CA GLN A 38 0.93 -8.22 -6.12
C GLN A 38 -0.56 -8.26 -6.42
N SER A 39 -1.05 -9.43 -6.77
CA SER A 39 -2.47 -9.57 -7.15
C SER A 39 -3.29 -10.48 -6.24
N SER A 40 -2.73 -10.99 -5.17
CA SER A 40 -3.49 -11.85 -4.26
C SER A 40 -3.28 -11.40 -2.85
N SER A 41 -4.29 -11.69 -2.02
CA SER A 41 -4.24 -11.50 -0.57
CA SER A 41 -4.20 -11.50 -0.58
C SER A 41 -4.45 -12.83 0.11
N THR A 42 -4.11 -12.88 1.39
CA THR A 42 -4.36 -14.04 2.25
C THR A 42 -5.86 -14.17 2.58
N GLY A 43 -6.63 -13.09 2.44
CA GLY A 43 -8.04 -13.08 2.81
C GLY A 43 -8.32 -12.65 4.24
N GLY A 44 -7.30 -12.57 5.09
CA GLY A 44 -7.47 -12.13 6.45
C GLY A 44 -6.57 -10.95 6.73
N ILE A 45 -6.93 -10.20 7.76
CA ILE A 45 -6.15 -9.08 8.26
C ILE A 45 -5.28 -9.62 9.39
N CYS A 46 -3.97 -9.57 9.19
CA CYS A 46 -3.04 -9.99 10.23
C CYS A 46 -3.06 -9.01 11.41
N ASP A 47 -3.11 -9.56 12.61
CA ASP A 47 -3.18 -8.73 13.84
C ASP A 47 -1.84 -8.12 14.27
N SER A 48 -0.77 -8.44 13.54
CA SER A 48 0.56 -7.90 13.79
C SER A 48 1.14 -7.39 12.48
N PRO A 49 1.99 -6.36 12.49
CA PRO A 49 2.51 -5.67 13.67
C PRO A 49 1.74 -4.39 14.06
N HIS A 50 0.67 -4.06 13.34
CA HIS A 50 -0.16 -2.92 13.68
C HIS A 50 -1.18 -3.32 14.75
N GLN A 51 -1.53 -2.37 15.61
CA GLN A 51 -2.54 -2.61 16.62
C GLN A 51 -3.91 -2.48 15.96
N ILE A 52 -4.59 -3.60 15.84
CA ILE A 52 -5.88 -3.67 15.14
C ILE A 52 -6.99 -3.65 16.17
N LEU A 53 -8.02 -2.85 15.92
CA LEU A 53 -9.20 -2.86 16.75
C LEU A 53 -10.41 -3.20 15.89
N ASP A 54 -10.93 -4.39 16.11
CA ASP A 54 -12.12 -4.86 15.40
C ASP A 54 -13.37 -4.21 16.00
N GLY A 55 -14.05 -3.39 15.22
CA GLY A 55 -15.28 -2.72 15.69
C GLY A 55 -16.45 -3.68 15.96
N GLU A 56 -16.41 -4.89 15.40
CA GLU A 56 -17.45 -5.89 15.60
C GLU A 56 -18.82 -5.23 15.29
N ASN A 57 -19.74 -5.14 16.24
CA ASN A 57 -21.04 -4.51 15.97
C ASN A 57 -21.06 -2.98 16.00
N CYS A 58 -19.93 -2.35 16.29
CA CYS A 58 -19.87 -0.93 16.59
C CYS A 58 -19.16 -0.17 15.47
N THR A 59 -19.78 0.90 15.00
CA THR A 59 -19.08 1.93 14.27
C THR A 59 -18.18 2.67 15.26
N LEU A 60 -17.16 3.33 14.74
CA LEU A 60 -16.31 4.17 15.58
C LEU A 60 -17.12 5.23 16.34
N ILE A 61 -18.05 5.88 15.65
CA ILE A 61 -18.86 6.91 16.29
C ILE A 61 -19.76 6.32 17.39
N ASP A 62 -20.33 5.13 17.18
CA ASP A 62 -21.08 4.50 18.29
C ASP A 62 -20.19 4.17 19.49
N ALA A 63 -18.97 3.71 19.23
CA ALA A 63 -18.03 3.46 20.32
C ALA A 63 -17.62 4.76 21.05
N LEU A 64 -17.49 5.85 20.31
CA LEU A 64 -17.22 7.20 20.85
C LEU A 64 -18.35 7.66 21.79
N LEU A 65 -19.58 7.64 21.29
CA LEU A 65 -20.73 8.16 22.05
C LEU A 65 -21.03 7.27 23.25
N GLY A 66 -20.79 5.97 23.07
CA GLY A 66 -21.03 5.00 24.11
C GLY A 66 -22.38 4.30 23.98
N ASP A 67 -22.65 3.79 22.78
CA ASP A 67 -23.80 2.91 22.51
C ASP A 67 -23.71 1.66 23.41
N PRO A 68 -24.86 1.11 23.88
CA PRO A 68 -24.84 -0.04 24.81
C PRO A 68 -24.03 -1.26 24.34
N GLN A 69 -23.91 -1.49 23.05
CA GLN A 69 -23.12 -2.64 22.59
C GLN A 69 -21.60 -2.37 22.55
N CYS A 70 -21.16 -1.17 22.90
CA CYS A 70 -19.77 -0.72 22.71
C CYS A 70 -19.01 -0.38 24.01
N ASP A 71 -19.52 -0.82 25.16
CA ASP A 71 -18.87 -0.52 26.44
C ASP A 71 -17.47 -1.14 26.57
N GLY A 72 -17.24 -2.28 25.89
CA GLY A 72 -15.91 -2.90 25.82
C GLY A 72 -14.81 -2.05 25.19
N PHE A 73 -15.20 -1.03 24.41
CA PHE A 73 -14.25 -0.15 23.69
C PHE A 73 -13.68 1.03 24.50
N GLN A 74 -14.16 1.24 25.74
CA GLN A 74 -13.78 2.41 26.50
C GLN A 74 -12.28 2.52 26.63
N ASN A 75 -11.76 3.69 26.25
CA ASN A 75 -10.35 4.04 26.44
C ASN A 75 -9.38 3.24 25.59
N LYS A 76 -9.88 2.49 24.61
CA LYS A 76 -9.01 1.70 23.74
C LYS A 76 -8.33 2.59 22.71
N LYS A 77 -7.18 2.10 22.23
CA LYS A 77 -6.37 2.77 21.25
C LYS A 77 -6.25 1.80 20.05
N TRP A 78 -5.85 2.34 18.90
CA TRP A 78 -5.62 1.53 17.70
C TRP A 78 -4.66 2.21 16.78
N ASP A 79 -3.98 1.39 15.98
CA ASP A 79 -3.40 1.82 14.73
C ASP A 79 -4.44 1.80 13.61
N LEU A 80 -5.21 0.71 13.52
CA LEU A 80 -6.26 0.59 12.52
C LEU A 80 -7.55 0.09 13.15
N PHE A 81 -8.58 0.93 13.09
CA PHE A 81 -9.92 0.59 13.52
C PHE A 81 -10.61 -0.06 12.33
N VAL A 82 -11.12 -1.27 12.52
CA VAL A 82 -11.79 -1.98 11.40
C VAL A 82 -13.30 -1.94 11.62
N GLU A 83 -14.01 -1.23 10.72
CA GLU A 83 -15.48 -1.12 10.77
C GLU A 83 -16.16 -2.16 9.88
N ARG A 84 -17.09 -2.90 10.44
CA ARG A 84 -17.75 -4.01 9.75
C ARG A 84 -19.05 -3.55 9.11
N SER A 85 -19.41 -4.13 7.96
CA SER A 85 -20.62 -3.70 7.25
C SER A 85 -21.91 -4.04 8.01
N LYS A 86 -21.88 -5.05 8.88
CA LYS A 86 -23.05 -5.43 9.70
C LYS A 86 -23.30 -4.50 10.89
N ALA A 87 -22.37 -3.61 11.21
CA ALA A 87 -22.51 -2.79 12.42
C ALA A 87 -23.81 -2.00 12.36
N TYR A 88 -24.48 -1.88 13.50
CA TYR A 88 -25.75 -1.14 13.59
C TYR A 88 -25.84 -0.47 14.97
N SER A 89 -26.61 0.62 15.04
CA SER A 89 -26.79 1.37 16.29
C SER A 89 -27.96 0.79 17.09
N ASN A 90 -27.84 0.84 18.41
CA ASN A 90 -28.90 0.33 19.28
C ASN A 90 -29.12 1.28 20.47
N CYS A 91 -29.22 2.57 20.16
CA CYS A 91 -29.48 3.60 21.15
C CYS A 91 -30.46 4.59 20.54
N TYR A 92 -30.50 5.81 21.06
CA TYR A 92 -31.42 6.83 20.60
C TYR A 92 -31.03 7.25 19.19
N PRO A 93 -32.01 7.42 18.28
CA PRO A 93 -31.62 7.79 16.92
C PRO A 93 -30.95 9.16 16.87
N TYR A 94 -29.81 9.23 16.20
CA TYR A 94 -29.04 10.46 16.13
C TYR A 94 -28.49 10.68 14.73
N ASP A 95 -28.13 11.91 14.44
CA ASP A 95 -27.28 12.25 13.29
C ASP A 95 -26.14 13.14 13.73
N VAL A 96 -25.13 13.21 12.86
CA VAL A 96 -23.96 14.04 13.09
C VAL A 96 -23.79 14.88 11.84
N PRO A 97 -24.18 16.15 11.89
CA PRO A 97 -23.73 16.99 10.77
C PRO A 97 -22.20 16.86 10.61
N ASP A 98 -21.72 16.63 9.39
CA ASP A 98 -20.28 16.46 9.17
C ASP A 98 -19.72 15.12 9.69
N TYR A 99 -20.61 14.13 9.88
CA TYR A 99 -20.26 12.80 10.36
C TYR A 99 -18.90 12.35 9.83
N ALA A 100 -18.67 12.50 8.52
CA ALA A 100 -17.43 12.04 7.91
C ALA A 100 -16.20 12.69 8.56
N SER A 101 -16.30 13.96 8.90
CA SER A 101 -15.19 14.65 9.56
C SER A 101 -14.93 14.21 10.99
N LEU A 102 -15.98 13.98 11.77
CA LEU A 102 -15.80 13.53 13.14
C LEU A 102 -15.21 12.11 13.16
N ARG A 103 -15.73 11.26 12.30
CA ARG A 103 -15.20 9.92 12.11
C ARG A 103 -13.70 9.95 11.74
N SER A 104 -13.35 10.80 10.77
CA SER A 104 -11.97 10.94 10.33
C SER A 104 -11.04 11.43 11.45
N LEU A 105 -11.47 12.46 12.16
CA LEU A 105 -10.60 13.06 13.14
C LEU A 105 -10.36 12.13 14.35
N VAL A 106 -11.39 11.39 14.76
CA VAL A 106 -11.23 10.39 15.82
C VAL A 106 -10.38 9.22 15.32
N ALA A 107 -10.65 8.73 14.11
CA ALA A 107 -9.86 7.63 13.52
C ALA A 107 -8.37 7.94 13.50
N SER A 108 -8.06 9.15 13.06
CA SER A 108 -6.71 9.65 12.94
C SER A 108 -6.01 9.87 14.29
N SER A 109 -6.77 10.25 15.28
CA SER A 109 -6.29 10.44 16.64
C SER A 109 -5.91 9.09 17.27
N GLY A 110 -6.72 8.07 17.01
CA GLY A 110 -6.35 6.69 17.38
C GLY A 110 -6.59 6.31 18.82
N THR A 111 -7.47 7.05 19.49
CA THR A 111 -7.75 6.79 20.90
C THR A 111 -9.16 7.20 21.28
N LEU A 112 -9.75 6.40 22.17
CA LEU A 112 -11.03 6.72 22.81
C LEU A 112 -10.82 7.06 24.29
N GLU A 113 -9.59 7.35 24.69
CA GLU A 113 -9.28 7.80 26.05
C GLU A 113 -10.20 8.94 26.43
N PHE A 114 -10.91 8.75 27.54
CA PHE A 114 -11.94 9.67 27.99
C PHE A 114 -11.67 10.01 29.45
N ASN A 115 -11.79 11.30 29.78
CA ASN A 115 -11.64 11.75 31.17
C ASN A 115 -12.91 12.45 31.60
N ASN A 116 -13.54 11.96 32.66
CA ASN A 116 -14.73 12.60 33.23
C ASN A 116 -14.36 13.94 33.85
N GLU A 117 -15.31 14.86 33.79
CA GLU A 117 -15.15 16.16 34.43
C GLU A 117 -16.42 16.50 35.19
N SER A 118 -16.26 17.31 36.24
CA SER A 118 -17.37 17.71 37.12
C SER A 118 -18.01 19.01 36.63
N PHE A 119 -18.93 18.89 35.68
CA PHE A 119 -19.76 20.01 35.24
C PHE A 119 -20.81 20.29 36.29
N ASN A 120 -20.98 21.57 36.64
CA ASN A 120 -21.96 21.99 37.63
C ASN A 120 -23.28 22.27 36.90
N TRP A 121 -24.12 21.25 36.78
CA TRP A 121 -25.44 21.38 36.13
C TRP A 121 -26.51 21.77 37.17
N ALA A 122 -26.36 22.97 37.71
CA ALA A 122 -27.18 23.45 38.81
C ALA A 122 -28.64 23.56 38.40
N GLY A 123 -29.50 22.88 39.14
CA GLY A 123 -30.96 23.07 39.07
C GLY A 123 -31.73 22.25 38.06
N VAL A 124 -31.10 21.22 37.47
CA VAL A 124 -31.75 20.33 36.53
C VAL A 124 -31.61 18.86 36.94
N THR A 125 -32.42 18.01 36.34
CA THR A 125 -32.33 16.57 36.54
C THR A 125 -31.30 16.01 35.55
N GLN A 126 -30.36 15.21 36.05
CA GLN A 126 -29.29 14.62 35.21
C GLN A 126 -29.60 13.18 34.89
N ASN A 127 -28.82 12.61 33.96
CA ASN A 127 -28.81 11.17 33.70
C ASN A 127 -30.11 10.61 33.11
N GLY A 128 -30.75 11.39 32.24
CA GLY A 128 -31.97 10.92 31.58
C GLY A 128 -31.72 9.65 30.77
N THR A 129 -32.72 8.78 30.72
CA THR A 129 -32.60 7.50 30.00
C THR A 129 -33.80 7.26 29.10
N SER A 130 -33.69 6.22 28.27
CA SER A 130 -34.71 5.93 27.28
C SER A 130 -34.81 4.43 27.02
N SER A 131 -36.01 4.00 26.62
CA SER A 131 -36.27 2.59 26.28
C SER A 131 -35.69 2.20 24.91
N ALA A 132 -35.32 3.20 24.09
CA ALA A 132 -34.63 2.95 22.84
C ALA A 132 -33.13 2.67 22.99
N CYS A 133 -32.62 2.76 24.22
CA CYS A 133 -31.21 2.59 24.50
C CYS A 133 -31.02 1.77 25.78
N LYS A 134 -31.31 0.48 25.67
CA LYS A 134 -31.26 -0.42 26.83
C LYS A 134 -29.88 -0.98 27.14
N ARG A 135 -29.58 -1.10 28.42
CA ARG A 135 -28.52 -1.96 28.92
C ARG A 135 -29.19 -2.96 29.86
N ARG A 136 -29.04 -4.25 29.58
CA ARG A 136 -29.59 -5.33 30.44
C ARG A 136 -31.09 -5.17 30.69
N SER A 137 -31.82 -4.72 29.66
CA SER A 137 -33.25 -4.36 29.74
C SER A 137 -33.59 -3.09 30.53
N ASN A 138 -32.66 -2.55 31.31
CA ASN A 138 -32.85 -1.25 31.95
C ASN A 138 -32.81 -0.19 30.86
N LYS A 139 -33.70 0.81 30.97
CA LYS A 139 -33.56 2.06 30.23
C LYS A 139 -32.16 2.64 30.46
N SER A 140 -31.53 3.16 29.41
CA SER A 140 -30.19 3.71 29.54
C SER A 140 -29.99 4.82 28.52
N PHE A 141 -28.75 5.24 28.34
CA PHE A 141 -28.41 6.30 27.40
C PHE A 141 -26.95 6.13 26.96
N PHE A 142 -26.52 6.92 25.97
CA PHE A 142 -25.12 6.95 25.58
C PHE A 142 -24.27 7.19 26.83
N SER A 143 -23.24 6.37 26.99
CA SER A 143 -22.40 6.43 28.20
C SER A 143 -21.65 7.76 28.37
N ARG A 144 -21.29 8.43 27.28
CA ARG A 144 -20.47 9.64 27.39
C ARG A 144 -21.27 10.94 27.37
N LEU A 145 -22.60 10.84 27.33
CA LEU A 145 -23.49 11.99 27.24
C LEU A 145 -24.47 11.99 28.40
N ASN A 146 -24.96 13.17 28.73
CA ASN A 146 -25.78 13.36 29.91
C ASN A 146 -27.03 14.10 29.51
N TRP A 147 -28.15 13.37 29.47
CA TRP A 147 -29.42 13.95 29.08
C TRP A 147 -30.02 14.73 30.27
N LEU A 148 -29.96 16.06 30.21
CA LEU A 148 -30.50 16.95 31.25
C LEU A 148 -31.97 17.26 31.01
N THR A 149 -32.78 17.23 32.07
CA THR A 149 -34.21 17.57 31.99
C THR A 149 -34.62 18.44 33.20
N HIS A 150 -35.84 18.93 33.18
CA HIS A 150 -36.35 19.78 34.27
C HIS A 150 -36.26 19.11 35.64
N LEU A 151 -36.08 19.94 36.66
CA LEU A 151 -36.14 19.54 38.05
C LEU A 151 -37.30 20.30 38.67
N LYS A 152 -38.34 19.56 39.05
CA LYS A 152 -39.57 20.09 39.68
C LYS A 152 -40.22 21.18 38.81
N TYR A 153 -40.34 20.83 37.52
CA TYR A 153 -40.92 21.67 36.46
C TYR A 153 -40.23 23.02 36.25
N LYS A 154 -38.95 23.10 36.60
CA LYS A 154 -38.10 24.24 36.23
C LYS A 154 -36.80 23.77 35.56
N TYR A 155 -36.32 24.58 34.63
CA TYR A 155 -35.05 24.37 33.96
C TYR A 155 -34.37 25.76 33.92
N PRO A 156 -33.63 26.12 34.98
CA PRO A 156 -33.00 27.43 34.96
C PRO A 156 -31.87 27.45 33.94
N ALA A 157 -31.62 28.62 33.35
CA ALA A 157 -30.58 28.75 32.35
C ALA A 157 -29.25 28.16 32.84
N LEU A 158 -28.57 27.46 31.94
CA LEU A 158 -27.25 26.91 32.23
C LEU A 158 -26.23 27.89 31.70
N ASN A 159 -25.16 28.09 32.44
CA ASN A 159 -24.09 29.00 32.03
C ASN A 159 -22.81 28.49 32.69
N VAL A 160 -22.28 27.42 32.09
CA VAL A 160 -21.32 26.53 32.71
C VAL A 160 -19.99 26.57 31.98
N THR A 161 -18.92 26.58 32.76
CA THR A 161 -17.57 26.80 32.28
C THR A 161 -16.73 25.56 32.59
N MET A 162 -15.80 25.23 31.72
CA MET A 162 -14.80 24.20 32.02
C MET A 162 -13.47 24.62 31.40
N PRO A 163 -12.52 25.08 32.24
CA PRO A 163 -11.24 25.53 31.70
C PRO A 163 -10.36 24.34 31.29
N ASN A 164 -9.53 24.52 30.27
CA ASN A 164 -8.53 23.53 29.92
C ASN A 164 -7.20 24.03 30.51
N ASN A 165 -6.84 23.46 31.66
CA ASN A 165 -5.55 23.73 32.31
C ASN A 165 -4.57 22.58 32.12
N GLU A 166 -4.75 21.81 31.04
CA GLU A 166 -3.86 20.72 30.67
C GLU A 166 -2.85 21.23 29.67
N LYS A 167 -1.90 20.36 29.35
CA LYS A 167 -0.91 20.59 28.30
C LYS A 167 -1.37 20.12 26.91
N PHE A 168 -2.56 19.52 26.82
CA PHE A 168 -3.07 18.96 25.56
C PHE A 168 -4.45 19.48 25.22
N ASP A 169 -4.85 19.24 23.97
CA ASP A 169 -6.17 19.60 23.49
C ASP A 169 -7.21 18.62 24.01
N LYS A 170 -8.41 19.13 24.20
CA LYS A 170 -9.57 18.36 24.63
C LYS A 170 -10.62 18.36 23.53
N LEU A 171 -11.17 17.18 23.26
CA LEU A 171 -12.29 17.02 22.34
C LEU A 171 -13.54 16.79 23.14
N TYR A 172 -14.52 17.70 22.99
CA TYR A 172 -15.83 17.58 23.63
C TYR A 172 -16.90 17.18 22.64
N ILE A 173 -17.66 16.14 22.98
CA ILE A 173 -18.81 15.72 22.20
C ILE A 173 -20.07 16.05 22.98
N TRP A 174 -21.04 16.63 22.30
CA TRP A 174 -22.27 17.09 22.92
C TRP A 174 -23.36 17.07 21.89
N GLY A 175 -24.60 17.31 22.31
CA GLY A 175 -25.73 17.19 21.40
C GLY A 175 -26.91 18.07 21.74
N VAL A 176 -27.87 18.09 20.82
CA VAL A 176 -29.11 18.80 20.98
C VAL A 176 -30.23 17.81 20.75
N HIS A 177 -31.23 17.84 21.62
CA HIS A 177 -32.40 16.99 21.49
C HIS A 177 -33.51 17.74 20.76
N HIS A 178 -34.04 17.08 19.73
CA HIS A 178 -35.16 17.57 18.92
C HIS A 178 -36.41 16.80 19.29
N PRO A 179 -37.29 17.38 20.13
CA PRO A 179 -38.49 16.61 20.50
C PRO A 179 -39.49 16.49 19.36
N VAL A 180 -40.33 15.48 19.46
CA VAL A 180 -41.37 15.22 18.47
C VAL A 180 -42.46 16.31 18.42
N THR A 181 -42.86 16.80 19.59
CA THR A 181 -43.97 17.76 19.75
C THR A 181 -43.73 18.86 20.77
N ASP A 182 -44.49 19.94 20.65
CA ASP A 182 -44.49 21.03 21.65
C ASP A 182 -44.78 20.54 23.08
N SER A 183 -45.66 19.56 23.25
CA SER A 183 -45.97 19.05 24.60
C SER A 183 -44.80 18.23 25.16
N ASP A 184 -44.11 17.48 24.30
CA ASP A 184 -42.87 16.81 24.68
C ASP A 184 -41.80 17.80 25.13
N GLN A 185 -41.66 18.88 24.38
CA GLN A 185 -40.71 19.96 24.71
C GLN A 185 -40.97 20.44 26.14
N ILE A 186 -42.24 20.73 26.45
CA ILE A 186 -42.62 21.23 27.78
C ILE A 186 -42.43 20.16 28.87
N SER A 187 -42.84 18.93 28.61
CA SER A 187 -42.71 17.87 29.62
C SER A 187 -41.25 17.55 29.97
N LEU A 188 -40.32 17.75 29.02
CA LEU A 188 -38.89 17.50 29.27
C LEU A 188 -38.17 18.70 29.84
N TYR A 189 -38.42 19.89 29.30
CA TYR A 189 -37.59 21.09 29.58
C TYR A 189 -38.32 22.27 30.24
N ALA A 190 -39.64 22.14 30.46
CA ALA A 190 -40.45 23.16 31.16
C ALA A 190 -40.50 24.56 30.50
N GLN A 191 -40.15 24.65 29.22
CA GLN A 191 -40.27 25.89 28.45
C GLN A 191 -40.30 25.59 26.95
N ALA A 192 -40.85 26.55 26.19
CA ALA A 192 -41.39 26.32 24.84
C ALA A 192 -40.36 25.96 23.78
N SER A 193 -39.11 26.38 23.99
CA SER A 193 -38.01 25.98 23.12
C SER A 193 -36.74 26.07 23.91
N GLY A 194 -35.66 25.71 23.24
CA GLY A 194 -34.31 25.84 23.75
C GLY A 194 -33.46 26.63 22.76
N ARG A 195 -32.21 26.78 23.12
CA ARG A 195 -31.16 27.31 22.24
C ARG A 195 -29.90 27.00 22.96
N ILE A 196 -28.89 26.50 22.24
CA ILE A 196 -27.64 26.07 22.85
C ILE A 196 -26.52 26.84 22.18
N THR A 197 -25.71 27.51 22.98
CA THR A 197 -24.48 28.13 22.48
C THR A 197 -23.28 27.54 23.23
N VAL A 198 -22.40 26.89 22.46
CA VAL A 198 -21.16 26.36 23.01
C VAL A 198 -20.01 27.16 22.45
N SER A 199 -19.20 27.76 23.32
CA SER A 199 -18.13 28.64 22.86
C SER A 199 -16.81 28.44 23.57
N THR A 200 -15.79 28.98 22.94
CA THR A 200 -14.47 29.10 23.52
C THR A 200 -14.07 30.53 23.25
N LYS A 201 -12.85 30.89 23.64
CA LYS A 201 -12.28 32.18 23.24
C LYS A 201 -12.14 32.35 21.73
N ARG A 202 -11.96 31.25 20.99
CA ARG A 202 -11.70 31.33 19.55
C ARG A 202 -12.81 30.78 18.64
N SER A 203 -13.88 30.23 19.19
CA SER A 203 -14.94 29.63 18.37
C SER A 203 -16.28 29.73 19.06
N GLN A 204 -17.34 29.61 18.27
CA GLN A 204 -18.71 29.56 18.81
C GLN A 204 -19.60 28.71 17.92
N GLN A 205 -20.50 27.95 18.52
CA GLN A 205 -21.50 27.17 17.78
C GLN A 205 -22.81 27.39 18.47
N THR A 206 -23.83 27.84 17.76
CA THR A 206 -25.17 27.78 18.34
C THR A 206 -26.10 26.92 17.50
N VAL A 207 -26.90 26.14 18.21
CA VAL A 207 -27.79 25.19 17.62
C VAL A 207 -29.17 25.42 18.21
N ILE A 208 -30.17 25.37 17.35
CA ILE A 208 -31.59 25.54 17.67
C ILE A 208 -32.27 24.17 17.58
N PRO A 209 -32.97 23.74 18.65
CA PRO A 209 -33.77 22.52 18.46
C PRO A 209 -34.94 22.76 17.53
N ASN A 210 -35.31 21.74 16.78
CA ASN A 210 -36.36 21.82 15.78
C ASN A 210 -37.37 20.75 16.10
N ILE A 211 -38.49 21.16 16.67
CA ILE A 211 -39.54 20.25 17.12
C ILE A 211 -40.31 19.72 15.92
N GLY A 212 -40.57 18.41 15.91
CA GLY A 212 -41.35 17.79 14.82
C GLY A 212 -41.14 16.28 14.69
N PHE A 213 -41.96 15.66 13.85
CA PHE A 213 -41.89 14.21 13.62
C PHE A 213 -40.86 13.84 12.55
N ARG A 214 -40.03 12.86 12.90
CA ARG A 214 -39.23 12.12 11.94
C ARG A 214 -39.73 10.68 11.96
N PRO A 215 -39.45 9.90 10.92
CA PRO A 215 -39.90 8.51 10.94
C PRO A 215 -39.35 7.77 12.15
N ARG A 216 -40.14 6.86 12.68
CA ARG A 216 -39.73 6.10 13.85
C ARG A 216 -38.53 5.20 13.57
N VAL A 217 -37.55 5.28 14.45
CA VAL A 217 -36.37 4.42 14.43
C VAL A 217 -36.26 3.90 15.85
N ARG A 218 -36.32 2.57 16.00
CA ARG A 218 -36.34 1.91 17.30
C ARG A 218 -37.43 2.59 18.15
N ASP A 219 -38.57 2.80 17.49
CA ASP A 219 -39.76 3.39 18.06
C ASP A 219 -39.71 4.86 18.54
N ILE A 220 -38.67 5.60 18.12
CA ILE A 220 -38.50 7.01 18.49
C ILE A 220 -38.63 7.90 17.26
N SER A 221 -39.49 8.91 17.33
CA SER A 221 -39.65 9.90 16.26
C SER A 221 -38.91 11.21 16.50
N SER A 222 -38.37 11.41 17.71
CA SER A 222 -37.45 12.52 17.96
C SER A 222 -36.03 12.17 17.48
N ARG A 223 -35.13 13.13 17.58
CA ARG A 223 -33.73 12.93 17.20
C ARG A 223 -32.78 13.67 18.10
N ILE A 224 -31.54 13.19 18.12
CA ILE A 224 -30.44 13.93 18.69
C ILE A 224 -29.46 14.29 17.57
N SER A 225 -28.97 15.52 17.57
CA SER A 225 -27.92 15.92 16.64
C SER A 225 -26.65 16.13 17.44
N ILE A 226 -25.55 15.55 16.95
CA ILE A 226 -24.29 15.51 17.67
C ILE A 226 -23.34 16.54 17.09
N TYR A 227 -22.68 17.30 17.97
CA TYR A 227 -21.69 18.32 17.62
C TYR A 227 -20.43 18.06 18.42
N TRP A 228 -19.34 18.73 18.02
CA TRP A 228 -18.11 18.63 18.79
C TRP A 228 -17.38 19.95 18.83
N THR A 229 -16.53 20.07 19.83
CA THR A 229 -15.76 21.28 20.08
C THR A 229 -14.38 20.89 20.60
N ILE A 230 -13.32 21.44 20.00
CA ILE A 230 -11.96 21.24 20.48
C ILE A 230 -11.56 22.44 21.32
N VAL A 231 -10.99 22.19 22.49
CA VAL A 231 -10.59 23.25 23.43
C VAL A 231 -9.07 23.17 23.68
N LYS A 232 -8.36 24.21 23.26
CA LYS A 232 -6.90 24.25 23.35
C LYS A 232 -6.46 24.55 24.77
N PRO A 233 -5.20 24.20 25.14
CA PRO A 233 -4.61 24.59 26.43
C PRO A 233 -4.73 26.06 26.68
N GLY A 234 -5.26 26.43 27.86
CA GLY A 234 -5.44 27.81 28.25
C GLY A 234 -6.77 28.40 27.83
N ASP A 235 -7.50 27.72 26.92
CA ASP A 235 -8.82 28.16 26.50
C ASP A 235 -9.82 27.58 27.50
N ILE A 236 -11.08 27.95 27.34
CA ILE A 236 -12.16 27.62 28.29
C ILE A 236 -13.41 27.25 27.48
N LEU A 237 -14.02 26.10 27.78
CA LEU A 237 -15.33 25.75 27.25
C LEU A 237 -16.44 26.47 28.03
N LEU A 238 -17.36 27.11 27.30
CA LEU A 238 -18.54 27.74 27.92
C LEU A 238 -19.80 27.19 27.25
N ILE A 239 -20.64 26.55 28.04
CA ILE A 239 -21.93 26.06 27.55
C ILE A 239 -23.03 26.93 28.15
N ASN A 240 -23.80 27.56 27.29
CA ASN A 240 -24.93 28.37 27.72
C ASN A 240 -26.21 27.91 27.02
N SER A 241 -27.16 27.38 27.79
CA SER A 241 -28.36 26.74 27.23
C SER A 241 -29.56 26.87 28.15
N THR A 242 -30.76 26.85 27.57
CA THR A 242 -32.03 26.92 28.32
C THR A 242 -32.95 25.71 28.13
N GLY A 243 -32.40 24.58 27.69
CA GLY A 243 -33.19 23.40 27.33
C GLY A 243 -32.54 22.62 26.19
N ASN A 244 -32.91 21.35 26.06
CA ASN A 244 -32.55 20.52 24.93
C ASN A 244 -31.07 20.14 24.81
N LEU A 245 -30.28 20.40 25.85
CA LEU A 245 -28.86 20.10 25.85
C LEU A 245 -28.65 18.64 26.22
N ILE A 246 -27.90 17.94 25.35
CA ILE A 246 -27.35 16.64 25.64
C ILE A 246 -25.90 16.93 26.00
N ALA A 247 -25.61 16.89 27.29
CA ALA A 247 -24.40 17.48 27.82
C ALA A 247 -23.22 16.51 27.73
N PRO A 248 -21.98 17.05 27.59
CA PRO A 248 -20.80 16.21 27.70
C PRO A 248 -20.60 15.76 29.15
N ARG A 249 -19.96 14.61 29.33
CA ARG A 249 -19.59 14.14 30.67
C ARG A 249 -18.11 14.39 30.96
N GLY A 250 -17.39 14.91 29.97
CA GLY A 250 -15.94 14.97 30.01
C GLY A 250 -15.40 15.18 28.63
N TYR A 251 -14.12 14.87 28.45
CA TYR A 251 -13.46 15.07 27.15
C TYR A 251 -12.72 13.83 26.72
N PHE A 252 -12.51 13.76 25.40
CA PHE A 252 -11.59 12.78 24.81
C PHE A 252 -10.24 13.42 24.60
N LYS A 253 -9.20 12.62 24.75
CA LYS A 253 -7.86 13.01 24.38
C LYS A 253 -7.78 13.01 22.88
N ILE A 254 -7.02 13.92 22.33
CA ILE A 254 -6.83 13.94 20.90
C ILE A 254 -5.31 13.93 20.66
N ARG A 255 -4.86 12.90 19.95
CA ARG A 255 -3.44 12.68 19.69
C ARG A 255 -3.24 12.82 18.20
N SER A 256 -1.98 12.91 17.78
CA SER A 256 -1.65 12.76 16.37
C SER A 256 -0.69 11.59 16.22
N GLY A 257 -0.75 10.98 15.05
CA GLY A 257 0.06 9.81 14.79
C GLY A 257 -0.38 9.10 13.55
N LYS A 258 -0.12 7.80 13.52
CA LYS A 258 -0.29 7.01 12.33
C LYS A 258 -1.62 6.27 12.28
N SER A 259 -2.60 6.64 13.11
CA SER A 259 -3.83 5.85 13.19
C SER A 259 -4.82 6.14 12.06
N SER A 260 -5.65 5.15 11.71
CA SER A 260 -6.67 5.31 10.70
C SER A 260 -7.83 4.33 10.94
N ILE A 261 -8.73 4.27 9.96
CA ILE A 261 -9.93 3.45 9.99
C ILE A 261 -10.14 2.84 8.63
N MET A 262 -10.67 1.62 8.58
CA MET A 262 -10.88 0.93 7.31
C MET A 262 -12.18 0.17 7.38
N ARG A 263 -12.97 0.20 6.31
CA ARG A 263 -14.16 -0.66 6.20
C ARG A 263 -13.76 -1.98 5.57
N SER A 264 -14.00 -3.07 6.28
CA SER A 264 -13.67 -4.41 5.81
C SER A 264 -14.48 -5.45 6.54
N ASP A 265 -14.82 -6.51 5.85
CA ASP A 265 -15.37 -7.69 6.49
C ASP A 265 -14.38 -8.85 6.55
N ALA A 266 -13.10 -8.58 6.32
CA ALA A 266 -12.12 -9.66 6.38
C ALA A 266 -11.89 -10.11 7.84
N PRO A 267 -11.80 -11.42 8.09
CA PRO A 267 -11.47 -11.88 9.45
C PRO A 267 -10.06 -11.45 9.91
N ILE A 268 -9.90 -11.23 11.22
CA ILE A 268 -8.58 -10.91 11.80
C ILE A 268 -7.90 -12.21 12.18
N GLY A 269 -6.66 -12.41 11.76
CA GLY A 269 -5.91 -13.63 12.05
C GLY A 269 -4.67 -13.35 12.88
N LYS A 270 -4.14 -14.41 13.49
CA LYS A 270 -2.88 -14.35 14.23
C LYS A 270 -1.75 -14.58 13.25
N CYS A 271 -1.22 -13.49 12.71
CA CYS A 271 -0.13 -13.54 11.73
C CYS A 271 0.48 -12.15 11.65
N ASN A 272 1.53 -12.02 10.86
CA ASN A 272 2.31 -10.78 10.82
C ASN A 272 2.45 -10.30 9.39
N SER A 273 1.89 -9.14 9.08
CA SER A 273 2.01 -8.54 7.76
C SER A 273 1.93 -7.01 7.83
N GLU A 274 2.85 -6.31 7.17
CA GLU A 274 2.92 -4.85 7.27
C GLU A 274 1.81 -4.14 6.49
N CYS A 275 1.30 -4.73 5.42
CA CYS A 275 0.39 -4.05 4.51
C CYS A 275 -1.03 -4.62 4.66
N ILE A 276 -1.99 -3.74 4.96
CA ILE A 276 -3.38 -4.12 5.13
C ILE A 276 -4.22 -3.51 4.03
N THR A 277 -5.09 -4.32 3.42
CA THR A 277 -6.14 -3.86 2.54
C THR A 277 -7.49 -4.38 3.07
N PRO A 278 -8.61 -3.83 2.56
CA PRO A 278 -9.93 -4.40 2.96
C PRO A 278 -10.13 -5.87 2.59
N ASN A 279 -9.40 -6.34 1.59
CA ASN A 279 -9.43 -7.74 1.19
C ASN A 279 -8.65 -8.65 2.11
N GLY A 280 -7.82 -8.09 2.98
CA GLY A 280 -6.86 -8.82 3.76
C GLY A 280 -5.46 -8.25 3.58
N SER A 281 -4.56 -8.75 4.41
CA SER A 281 -3.18 -8.33 4.33
C SER A 281 -2.56 -8.88 3.05
N ILE A 282 -1.58 -8.15 2.52
CA ILE A 282 -0.87 -8.58 1.32
C ILE A 282 0.63 -8.49 1.56
N PRO A 283 1.41 -9.43 0.95
CA PRO A 283 2.86 -9.27 0.96
C PRO A 283 3.28 -7.95 0.32
N ASN A 284 4.39 -7.39 0.76
CA ASN A 284 4.84 -6.09 0.28
C ASN A 284 6.25 -6.14 -0.34
N ASP A 285 6.68 -7.34 -0.79
CA ASP A 285 7.94 -7.45 -1.55
C ASP A 285 7.90 -6.68 -2.91
N LYS A 286 6.75 -6.65 -3.56
CA LYS A 286 6.63 -6.08 -4.91
C LYS A 286 6.34 -4.59 -4.83
N PRO A 287 6.75 -3.84 -5.85
CA PRO A 287 6.54 -2.41 -5.79
C PRO A 287 5.10 -1.97 -6.05
N PHE A 288 4.33 -2.83 -6.73
CA PHE A 288 2.96 -2.49 -7.19
C PHE A 288 1.99 -3.57 -6.73
N GLN A 289 0.71 -3.24 -6.72
CA GLN A 289 -0.33 -4.18 -6.38
C GLN A 289 -1.63 -3.76 -7.03
N ASN A 290 -2.48 -4.73 -7.31
CA ASN A 290 -3.77 -4.44 -7.90
C ASN A 290 -4.92 -5.03 -7.06
N VAL A 291 -4.63 -5.23 -5.78
CA VAL A 291 -5.63 -5.77 -4.85
C VAL A 291 -6.68 -4.73 -4.48
N ASN A 292 -6.25 -3.56 -4.03
CA ASN A 292 -7.18 -2.52 -3.59
C ASN A 292 -6.50 -1.17 -3.51
N ARG A 293 -7.20 -0.13 -3.92
CA ARG A 293 -6.68 1.23 -3.81
C ARG A 293 -6.58 1.60 -2.32
N ILE A 294 -7.45 1.02 -1.50
CA ILE A 294 -7.46 1.28 -0.06
C ILE A 294 -6.38 0.45 0.61
N THR A 295 -5.42 1.12 1.23
CA THR A 295 -4.36 0.46 1.91
C THR A 295 -3.97 1.17 3.21
N TYR A 296 -3.29 0.41 4.06
CA TYR A 296 -2.75 0.92 5.33
C TYR A 296 -1.46 0.19 5.62
N GLY A 297 -0.42 0.95 5.93
CA GLY A 297 0.90 0.42 6.25
C GLY A 297 1.89 0.53 5.11
N ALA A 298 2.95 -0.28 5.15
CA ALA A 298 4.01 -0.28 4.14
C ALA A 298 3.52 -1.17 3.01
N CYS A 299 2.97 -0.53 2.00
CA CYS A 299 2.21 -1.20 0.96
C CYS A 299 2.78 -0.92 -0.43
N PRO A 300 2.68 -1.90 -1.33
CA PRO A 300 2.93 -1.58 -2.73
C PRO A 300 1.92 -0.53 -3.22
N ARG A 301 2.29 0.18 -4.26
CA ARG A 301 1.41 1.17 -4.85
C ARG A 301 0.36 0.53 -5.75
N TYR A 302 -0.86 1.03 -5.64
CA TYR A 302 -1.96 0.49 -6.43
C TYR A 302 -1.85 0.92 -7.89
N VAL A 303 -1.96 -0.05 -8.77
CA VAL A 303 -1.97 0.18 -10.19
C VAL A 303 -3.11 -0.62 -10.83
N LYS A 304 -3.45 -0.24 -12.06
CA LYS A 304 -4.54 -0.92 -12.81
C LYS A 304 -4.15 -2.26 -13.40
N GLN A 305 -2.87 -2.45 -13.70
CA GLN A 305 -2.40 -3.68 -14.34
C GLN A 305 -2.47 -4.86 -13.38
N ASN A 306 -2.83 -6.00 -13.96
CA ASN A 306 -2.86 -7.34 -13.32
C ASN A 306 -1.53 -7.96 -13.07
N THR A 307 -0.62 -7.67 -14.00
CA THR A 307 0.69 -8.28 -14.05
C THR A 307 1.62 -7.31 -14.77
N LEU A 308 2.85 -7.23 -14.29
CA LEU A 308 3.93 -6.52 -14.96
C LEU A 308 5.21 -7.34 -14.74
N LYS A 309 5.76 -7.94 -15.80
CA LYS A 309 6.88 -8.84 -15.63
C LYS A 309 8.18 -8.13 -15.94
N LEU A 310 9.10 -8.13 -14.98
CA LEU A 310 10.41 -7.57 -15.15
C LEU A 310 11.38 -8.66 -15.60
N ALA A 311 11.99 -8.49 -16.77
CA ALA A 311 13.01 -9.43 -17.23
C ALA A 311 14.17 -9.49 -16.22
N THR A 312 14.60 -10.69 -15.88
CA THR A 312 15.76 -10.92 -15.07
C THR A 312 16.78 -11.80 -15.77
N GLY A 313 16.71 -11.86 -17.09
CA GLY A 313 17.65 -12.61 -17.90
C GLY A 313 17.63 -12.11 -19.33
N MET A 314 18.51 -12.66 -20.14
CA MET A 314 18.65 -12.28 -21.52
C MET A 314 17.49 -12.78 -22.38
N ARG A 315 17.48 -12.30 -23.60
CA ARG A 315 16.62 -12.89 -24.61
C ARG A 315 16.82 -14.39 -24.73
N ASN A 316 15.73 -15.13 -24.77
CA ASN A 316 15.79 -16.57 -24.84
C ASN A 316 15.70 -16.99 -26.31
N VAL A 317 16.74 -17.67 -26.79
CA VAL A 317 16.86 -18.08 -28.19
C VAL A 317 17.08 -19.60 -28.18
N PRO A 318 16.00 -20.39 -28.14
CA PRO A 318 16.13 -21.84 -27.96
C PRO A 318 16.74 -22.53 -29.17
N GLU A 319 17.28 -23.72 -28.94
CA GLU A 319 17.97 -24.48 -29.99
C GLU A 319 17.01 -25.05 -31.03
N GLY B 1 19.53 -6.81 -28.16
CA GLY B 1 19.39 -6.73 -29.62
C GLY B 1 20.30 -5.67 -30.26
N ILE B 2 20.57 -4.58 -29.53
CA ILE B 2 21.19 -3.40 -30.14
C ILE B 2 22.65 -3.66 -30.57
N PHE B 3 23.34 -4.63 -29.93
CA PHE B 3 24.70 -5.01 -30.34
C PHE B 3 24.76 -6.06 -31.43
N GLY B 4 23.73 -6.87 -31.53
CA GLY B 4 23.62 -7.79 -32.65
C GLY B 4 24.20 -9.15 -32.42
N ALA B 5 24.54 -9.50 -31.17
CA ALA B 5 25.12 -10.81 -30.87
C ALA B 5 24.02 -11.79 -30.51
N ILE B 6 23.33 -11.55 -29.39
CA ILE B 6 22.24 -12.42 -28.96
C ILE B 6 21.04 -12.22 -29.87
N ALA B 7 20.48 -13.31 -30.40
CA ALA B 7 19.46 -13.27 -31.46
C ALA B 7 19.96 -12.55 -32.73
N GLY B 8 21.28 -12.54 -32.95
CA GLY B 8 21.89 -11.84 -34.06
C GLY B 8 22.90 -12.76 -34.69
N PHE B 9 24.19 -12.43 -34.59
CA PHE B 9 25.20 -13.27 -35.23
C PHE B 9 25.44 -14.59 -34.51
N ILE B 10 25.14 -14.65 -33.20
CA ILE B 10 25.05 -15.92 -32.53
CA ILE B 10 25.02 -15.91 -32.47
C ILE B 10 23.67 -16.50 -32.85
N GLU B 11 23.66 -17.60 -33.58
CA GLU B 11 22.40 -18.17 -34.11
C GLU B 11 21.39 -18.55 -33.04
N ASN B 12 21.85 -19.17 -31.96
CA ASN B 12 20.96 -19.50 -30.87
C ASN B 12 21.72 -19.72 -29.56
N GLY B 13 20.96 -19.83 -28.49
CA GLY B 13 21.55 -20.10 -27.17
C GLY B 13 21.81 -21.58 -26.98
N TRP B 14 22.45 -21.90 -25.86
CA TRP B 14 22.84 -23.27 -25.52
C TRP B 14 22.05 -23.70 -24.32
N GLU B 15 21.08 -24.58 -24.52
CA GLU B 15 20.28 -25.07 -23.41
C GLU B 15 21.09 -25.93 -22.43
N GLY B 16 22.15 -26.58 -22.93
CA GLY B 16 23.07 -27.39 -22.10
C GLY B 16 24.10 -26.61 -21.30
N MET B 17 24.12 -25.27 -21.41
CA MET B 17 24.98 -24.49 -20.54
C MET B 17 24.18 -24.07 -19.32
N VAL B 18 24.45 -24.74 -18.20
CA VAL B 18 23.72 -24.47 -16.95
C VAL B 18 24.59 -23.90 -15.82
N ASP B 19 25.89 -23.78 -16.01
CA ASP B 19 26.77 -23.23 -14.96
C ASP B 19 27.22 -21.80 -15.28
N GLY B 20 26.62 -21.19 -16.29
CA GLY B 20 26.90 -19.80 -16.58
C GLY B 20 25.97 -19.28 -17.64
N TRP B 21 26.04 -17.98 -17.89
CA TRP B 21 25.17 -17.35 -18.86
C TRP B 21 25.85 -17.20 -20.23
N TYR B 22 27.17 -17.08 -20.22
CA TYR B 22 27.98 -16.96 -21.42
C TYR B 22 29.14 -17.93 -21.32
N GLY B 23 29.71 -18.32 -22.45
CA GLY B 23 30.87 -19.17 -22.42
C GLY B 23 31.36 -19.61 -23.77
N PHE B 24 32.14 -20.70 -23.74
CA PHE B 24 32.90 -21.19 -24.86
C PHE B 24 32.56 -22.64 -25.16
N ARG B 25 32.40 -22.96 -26.45
CA ARG B 25 32.49 -24.34 -26.93
C ARG B 25 33.65 -24.48 -27.91
N HIS B 26 34.34 -25.61 -27.90
CA HIS B 26 35.46 -25.77 -28.78
C HIS B 26 35.45 -27.15 -29.39
N GLN B 27 36.20 -27.26 -30.48
CA GLN B 27 36.58 -28.54 -31.05
C GLN B 27 38.06 -28.47 -31.41
N ASN B 28 38.81 -29.48 -30.99
CA ASN B 28 40.22 -29.56 -31.31
C ASN B 28 40.56 -31.03 -31.51
N SER B 29 41.84 -31.37 -31.59
CA SER B 29 42.20 -32.75 -31.89
C SER B 29 42.01 -33.71 -30.72
N GLU B 30 41.74 -33.21 -29.52
CA GLU B 30 41.45 -34.05 -28.34
C GLU B 30 39.94 -34.19 -28.04
N GLY B 31 39.06 -33.51 -28.78
CA GLY B 31 37.61 -33.59 -28.55
C GLY B 31 36.88 -32.25 -28.63
N THR B 32 35.76 -32.16 -27.92
CA THR B 32 34.95 -30.94 -27.85
C THR B 32 34.69 -30.61 -26.41
N GLY B 33 34.34 -29.37 -26.13
CA GLY B 33 34.07 -29.02 -24.73
C GLY B 33 33.26 -27.77 -24.62
N GLN B 34 32.72 -27.57 -23.41
CA GLN B 34 31.97 -26.37 -23.07
C GLN B 34 32.49 -25.90 -21.73
N ALA B 35 32.67 -24.58 -21.57
CA ALA B 35 33.01 -24.00 -20.28
C ALA B 35 32.37 -22.61 -20.18
N ALA B 36 31.81 -22.31 -19.01
CA ALA B 36 31.21 -21.00 -18.76
C ALA B 36 32.29 -19.94 -18.53
N ASP B 37 32.03 -18.70 -18.94
CA ASP B 37 32.88 -17.57 -18.62
C ASP B 37 32.30 -16.85 -17.39
N LEU B 38 33.04 -16.86 -16.27
CA LEU B 38 32.49 -16.30 -15.03
CA LEU B 38 32.56 -16.28 -14.99
C LEU B 38 32.40 -14.77 -15.06
N LYS B 39 33.40 -14.10 -15.63
CA LYS B 39 33.45 -12.64 -15.67
C LYS B 39 32.22 -12.01 -16.35
N SER B 40 31.92 -12.48 -17.55
CA SER B 40 30.77 -11.95 -18.30
C SER B 40 29.45 -12.32 -17.62
N THR B 41 29.36 -13.54 -17.13
CA THR B 41 28.15 -13.98 -16.45
C THR B 41 27.88 -13.08 -15.23
N GLN B 42 28.91 -12.88 -14.42
CA GLN B 42 28.76 -12.08 -13.21
C GLN B 42 28.46 -10.61 -13.52
N ALA B 43 29.02 -10.08 -14.61
CA ALA B 43 28.76 -8.69 -15.02
C ALA B 43 27.27 -8.47 -15.31
N ALA B 44 26.67 -9.38 -16.09
CA ALA B 44 25.24 -9.31 -16.37
C ALA B 44 24.37 -9.48 -15.11
N ILE B 45 24.67 -10.52 -14.33
CA ILE B 45 23.92 -10.77 -13.10
C ILE B 45 23.97 -9.59 -12.13
N ASN B 46 25.17 -9.03 -11.93
CA ASN B 46 25.33 -7.88 -11.04
C ASN B 46 24.48 -6.69 -11.46
N GLN B 47 24.39 -6.43 -12.75
CA GLN B 47 23.56 -5.32 -13.24
C GLN B 47 22.08 -5.59 -13.03
N ILE B 48 21.64 -6.82 -13.28
CA ILE B 48 20.23 -7.18 -13.08
C ILE B 48 19.90 -7.13 -11.58
N ASN B 49 20.82 -7.61 -10.74
CA ASN B 49 20.57 -7.52 -9.29
C ASN B 49 20.50 -6.08 -8.82
N GLY B 50 21.25 -5.20 -9.46
CA GLY B 50 21.19 -3.75 -9.20
C GLY B 50 19.82 -3.16 -9.47
N LYS B 51 19.18 -3.58 -10.55
CA LYS B 51 17.78 -3.20 -10.80
C LYS B 51 16.82 -3.73 -9.78
N LEU B 52 16.96 -5.02 -9.46
CA LEU B 52 16.11 -5.63 -8.45
C LEU B 52 16.25 -4.97 -7.10
N ASN B 53 17.47 -4.57 -6.73
CA ASN B 53 17.69 -3.92 -5.43
CA ASN B 53 17.72 -3.90 -5.45
C ASN B 53 16.92 -2.59 -5.34
N ARG B 54 16.65 -1.97 -6.46
CA ARG B 54 15.92 -0.72 -6.43
C ARG B 54 14.40 -0.93 -6.40
N LEU B 55 13.93 -2.07 -6.90
CA LEU B 55 12.48 -2.30 -7.04
C LEU B 55 11.82 -3.21 -6.00
N ILE B 56 12.58 -4.15 -5.42
CA ILE B 56 12.01 -5.20 -4.56
C ILE B 56 12.28 -4.83 -3.10
N GLY B 57 11.23 -4.94 -2.28
CA GLY B 57 11.30 -4.70 -0.84
C GLY B 57 11.51 -3.25 -0.45
N LYS B 58 10.97 -2.32 -1.24
CA LYS B 58 11.26 -0.87 -1.06
C LYS B 58 10.00 -0.03 -0.88
N THR B 59 8.95 -0.60 -0.28
CA THR B 59 7.66 0.08 -0.25
C THR B 59 7.64 1.29 0.73
N ASN B 60 6.66 2.13 0.47
CA ASN B 60 6.33 3.41 1.09
C ASN B 60 5.22 3.19 2.13
N GLU B 61 5.38 3.70 3.36
CA GLU B 61 4.33 3.63 4.38
C GLU B 61 3.33 4.79 4.28
N LYS B 62 2.04 4.48 4.19
CA LYS B 62 0.99 5.51 4.29
C LYS B 62 -0.04 5.07 5.32
N PHE B 63 -0.63 6.05 5.98
CA PHE B 63 -1.54 5.77 7.08
C PHE B 63 -2.93 6.33 6.82
N HIS B 64 -3.36 7.36 7.53
CA HIS B 64 -4.67 7.93 7.28
C HIS B 64 -4.64 8.74 5.99
N GLN B 65 -5.59 8.49 5.11
CA GLN B 65 -5.58 9.11 3.78
C GLN B 65 -6.96 9.76 3.56
N ILE B 66 -7.59 9.56 2.42
CA ILE B 66 -8.94 10.01 2.15
C ILE B 66 -9.77 8.76 1.94
N GLU B 67 -11.08 8.93 1.99
CA GLU B 67 -12.01 7.85 1.63
C GLU B 67 -12.04 7.68 0.13
N LYS B 68 -12.24 6.42 -0.28
CA LYS B 68 -12.17 6.03 -1.68
C LYS B 68 -13.36 5.22 -2.17
N GLU B 69 -14.30 4.90 -1.27
CA GLU B 69 -15.58 4.31 -1.60
C GLU B 69 -16.62 5.08 -0.80
N PHE B 70 -17.84 5.18 -1.32
CA PHE B 70 -18.87 6.05 -0.75
C PHE B 70 -20.24 5.38 -0.83
N SER B 71 -20.98 5.38 0.27
CA SER B 71 -22.29 4.74 0.31
C SER B 71 -23.45 5.65 -0.09
N GLU B 72 -23.21 6.96 -0.15
CA GLU B 72 -24.24 7.93 -0.53
C GLU B 72 -23.74 8.89 -1.62
N VAL B 73 -24.69 9.41 -2.38
CA VAL B 73 -24.44 10.46 -3.36
C VAL B 73 -24.29 11.79 -2.62
N GLU B 74 -23.26 12.55 -2.96
CA GLU B 74 -22.97 13.85 -2.31
C GLU B 74 -22.66 15.04 -3.22
N GLY B 75 -22.16 14.80 -4.41
CA GLY B 75 -21.83 15.87 -5.34
C GLY B 75 -20.40 16.33 -5.19
N ARG B 76 -20.23 17.66 -5.10
CA ARG B 76 -18.97 18.34 -5.37
C ARG B 76 -17.76 17.78 -4.62
N ILE B 77 -17.87 17.58 -3.31
CA ILE B 77 -16.70 17.18 -2.55
C ILE B 77 -16.31 15.74 -2.90
N GLN B 78 -17.32 14.89 -3.07
CA GLN B 78 -17.09 13.50 -3.47
C GLN B 78 -16.51 13.37 -4.88
N ASP B 79 -17.01 14.20 -5.81
CA ASP B 79 -16.44 14.27 -7.16
C ASP B 79 -14.93 14.56 -7.09
N LEU B 80 -14.54 15.49 -6.22
CA LEU B 80 -13.15 15.88 -6.10
C LEU B 80 -12.33 14.74 -5.48
N GLU B 81 -12.84 14.13 -4.40
CA GLU B 81 -12.17 12.98 -3.80
C GLU B 81 -11.91 11.85 -4.81
N LYS B 82 -12.92 11.52 -5.62
CA LYS B 82 -12.80 10.46 -6.60
C LYS B 82 -11.82 10.82 -7.72
N TYR B 83 -11.87 12.07 -8.16
CA TYR B 83 -10.98 12.54 -9.24
C TYR B 83 -9.52 12.54 -8.80
N VAL B 84 -9.26 12.93 -7.57
CA VAL B 84 -7.90 12.93 -7.03
C VAL B 84 -7.37 11.50 -7.07
N GLU B 85 -8.18 10.57 -6.58
CA GLU B 85 -7.73 9.16 -6.55
C GLU B 85 -7.56 8.58 -7.95
N ASP B 86 -8.52 8.81 -8.85
CA ASP B 86 -8.41 8.34 -10.22
C ASP B 86 -7.15 8.90 -10.94
N THR B 87 -6.90 10.19 -10.74
CA THR B 87 -5.71 10.86 -11.24
C THR B 87 -4.40 10.20 -10.78
N LYS B 88 -4.33 9.97 -9.46
CA LYS B 88 -3.18 9.35 -8.84
C LYS B 88 -2.93 7.96 -9.43
N ILE B 89 -3.98 7.15 -9.48
CA ILE B 89 -3.84 5.78 -9.94
C ILE B 89 -3.38 5.72 -11.41
N ASP B 90 -3.91 6.62 -12.23
CA ASP B 90 -3.52 6.63 -13.65
C ASP B 90 -2.06 7.03 -13.79
N LEU B 91 -1.59 7.96 -12.95
CA LEU B 91 -0.20 8.40 -13.04
C LEU B 91 0.75 7.29 -12.59
N TRP B 92 0.39 6.60 -11.52
CA TRP B 92 1.20 5.46 -11.05
C TRP B 92 1.19 4.28 -12.03
N SER B 93 0.03 4.00 -12.62
CA SER B 93 -0.10 2.92 -13.60
C SER B 93 0.79 3.20 -14.84
N TYR B 94 0.80 4.45 -15.28
CA TYR B 94 1.72 4.91 -16.32
C TYR B 94 3.17 4.73 -15.91
N ASN B 95 3.54 5.17 -14.71
CA ASN B 95 4.92 5.02 -14.27
C ASN B 95 5.32 3.54 -14.30
N ALA B 96 4.45 2.68 -13.81
CA ALA B 96 4.75 1.25 -13.73
C ALA B 96 4.92 0.63 -15.12
N GLU B 97 4.03 0.96 -16.05
CA GLU B 97 4.12 0.47 -17.42
C GLU B 97 5.45 0.91 -18.08
N LEU B 98 5.78 2.19 -17.97
CA LEU B 98 7.01 2.71 -18.58
C LEU B 98 8.26 2.12 -17.95
N LEU B 99 8.25 2.01 -16.62
CA LEU B 99 9.39 1.48 -15.90
C LEU B 99 9.75 0.07 -16.38
N VAL B 100 8.75 -0.77 -16.52
CA VAL B 100 9.00 -2.13 -16.90
CA VAL B 100 8.93 -2.16 -16.94
C VAL B 100 9.43 -2.23 -18.39
N ALA B 101 8.77 -1.48 -19.25
CA ALA B 101 9.18 -1.47 -20.67
C ALA B 101 10.63 -1.00 -20.84
N LEU B 102 11.01 0.08 -20.16
CA LEU B 102 12.36 0.64 -20.24
CA LEU B 102 12.36 0.61 -20.30
C LEU B 102 13.39 -0.28 -19.63
N GLU B 103 13.09 -0.75 -18.45
CA GLU B 103 13.98 -1.67 -17.77
C GLU B 103 14.21 -2.94 -18.63
N ASN B 104 13.15 -3.46 -19.22
CA ASN B 104 13.27 -4.69 -20.01
C ASN B 104 14.06 -4.49 -21.28
N GLN B 105 13.83 -3.37 -21.95
CA GLN B 105 14.64 -3.01 -23.13
C GLN B 105 16.13 -2.95 -22.75
N HIS B 106 16.41 -2.34 -21.61
CA HIS B 106 17.78 -2.17 -21.17
C HIS B 106 18.42 -3.51 -20.73
N THR B 107 17.66 -4.37 -20.08
CA THR B 107 18.16 -5.69 -19.72
C THR B 107 18.55 -6.53 -20.94
N ILE B 108 17.70 -6.51 -21.96
CA ILE B 108 17.99 -7.21 -23.21
C ILE B 108 19.25 -6.64 -23.84
N ASP B 109 19.35 -5.31 -23.87
CA ASP B 109 20.54 -4.67 -24.44
C ASP B 109 21.83 -4.90 -23.64
N LEU B 110 21.76 -4.85 -22.32
CA LEU B 110 22.96 -5.05 -21.50
C LEU B 110 23.48 -6.50 -21.57
N THR B 111 22.55 -7.45 -21.65
CA THR B 111 22.94 -8.84 -21.79
C THR B 111 23.57 -9.15 -23.16
N ASP B 112 23.03 -8.53 -24.21
CA ASP B 112 23.60 -8.59 -25.56
C ASP B 112 25.02 -7.96 -25.51
N SER B 113 25.11 -6.83 -24.84
CA SER B 113 26.40 -6.14 -24.67
C SER B 113 27.48 -7.07 -24.07
N GLU B 114 27.12 -7.78 -22.98
CA GLU B 114 28.11 -8.65 -22.33
C GLU B 114 28.55 -9.77 -23.26
N MET B 115 27.62 -10.32 -24.05
CA MET B 115 27.97 -11.30 -25.07
C MET B 115 28.97 -10.71 -26.05
N ASN B 116 28.66 -9.53 -26.57
CA ASN B 116 29.53 -8.84 -27.51
C ASN B 116 30.94 -8.58 -26.94
N LYS B 117 30.99 -8.14 -25.68
CA LYS B 117 32.26 -7.84 -25.04
C LYS B 117 33.18 -9.07 -24.91
N LEU B 118 32.58 -10.20 -24.60
CA LEU B 118 33.30 -11.47 -24.50
C LEU B 118 33.87 -11.86 -25.86
N PHE B 119 33.03 -11.75 -26.88
CA PHE B 119 33.46 -11.99 -28.23
C PHE B 119 34.65 -11.11 -28.63
N GLU B 120 34.51 -9.80 -28.40
CA GLU B 120 35.59 -8.86 -28.75
C GLU B 120 36.88 -9.14 -28.01
N ARG B 121 36.80 -9.40 -26.70
CA ARG B 121 37.99 -9.81 -25.90
CA ARG B 121 37.96 -9.81 -25.90
C ARG B 121 38.74 -10.98 -26.54
N THR B 122 37.98 -12.01 -26.87
CA THR B 122 38.54 -13.23 -27.42
C THR B 122 39.15 -12.98 -28.78
N LYS B 123 38.45 -12.20 -29.63
CA LYS B 123 38.95 -11.84 -30.96
C LYS B 123 40.33 -11.19 -30.86
N LYS B 124 40.45 -10.26 -29.93
CA LYS B 124 41.69 -9.45 -29.81
C LYS B 124 42.81 -10.33 -29.26
N GLN B 125 42.47 -11.18 -28.32
CA GLN B 125 43.40 -12.10 -27.75
C GLN B 125 44.10 -13.03 -28.79
N LEU B 126 43.32 -13.51 -29.75
CA LEU B 126 43.83 -14.43 -30.78
C LEU B 126 44.70 -13.77 -31.83
N ARG B 127 44.65 -12.44 -31.93
CA ARG B 127 45.54 -11.64 -32.81
C ARG B 127 45.47 -12.17 -34.25
N GLU B 128 46.59 -12.60 -34.82
CA GLU B 128 46.61 -13.08 -36.21
C GLU B 128 46.49 -14.58 -36.32
N ASN B 129 46.14 -15.26 -35.22
CA ASN B 129 46.16 -16.72 -35.16
C ASN B 129 44.83 -17.36 -35.47
N ALA B 130 43.79 -16.54 -35.65
CA ALA B 130 42.45 -17.05 -35.89
C ALA B 130 41.68 -16.09 -36.76
N GLU B 131 40.57 -16.59 -37.33
CA GLU B 131 39.66 -15.78 -38.09
C GLU B 131 38.22 -15.98 -37.59
N ASP B 132 37.47 -14.88 -37.61
CA ASP B 132 36.06 -14.84 -37.24
C ASP B 132 35.23 -15.43 -38.40
N MET B 133 34.50 -16.50 -38.12
CA MET B 133 33.67 -17.16 -39.12
CA MET B 133 33.66 -17.17 -39.12
C MET B 133 32.32 -16.45 -39.32
N GLY B 134 31.98 -15.49 -38.46
CA GLY B 134 30.76 -14.67 -38.62
C GLY B 134 29.55 -15.09 -37.80
N ASN B 135 29.69 -16.19 -37.06
CA ASN B 135 28.60 -16.79 -36.28
C ASN B 135 29.00 -16.93 -34.80
N GLY B 136 29.96 -16.11 -34.39
CA GLY B 136 30.56 -16.19 -33.06
C GLY B 136 31.65 -17.23 -32.87
N CYS B 137 32.08 -17.90 -33.94
CA CYS B 137 33.11 -18.95 -33.88
C CYS B 137 34.35 -18.43 -34.56
N PHE B 138 35.49 -18.80 -34.01
CA PHE B 138 36.79 -18.54 -34.58
C PHE B 138 37.38 -19.82 -35.09
N LYS B 139 37.93 -19.76 -36.29
CA LYS B 139 38.77 -20.81 -36.80
C LYS B 139 40.19 -20.48 -36.34
N ILE B 140 40.77 -21.36 -35.52
CA ILE B 140 42.12 -21.19 -34.99
C ILE B 140 43.07 -22.00 -35.89
N TYR B 141 44.07 -21.31 -36.46
CA TYR B 141 44.91 -21.87 -37.50
C TYR B 141 46.21 -22.54 -37.02
N HIS B 142 46.16 -23.12 -35.81
CA HIS B 142 47.26 -23.88 -35.27
C HIS B 142 46.72 -24.99 -34.39
N LYS B 143 47.55 -25.98 -34.14
CA LYS B 143 47.19 -27.02 -33.20
C LYS B 143 46.94 -26.40 -31.84
N CYS B 144 45.81 -26.70 -31.23
CA CYS B 144 45.39 -26.02 -30.02
C CYS B 144 44.75 -27.05 -29.11
N ASP B 145 45.59 -27.75 -28.36
CA ASP B 145 45.15 -28.80 -27.44
C ASP B 145 44.32 -28.24 -26.25
N ASN B 146 43.89 -29.12 -25.36
CA ASN B 146 43.06 -28.72 -24.20
C ASN B 146 43.69 -27.62 -23.36
N ALA B 147 45.00 -27.74 -23.07
CA ALA B 147 45.69 -26.69 -22.30
C ALA B 147 45.73 -25.37 -23.05
N CYS B 148 45.94 -25.43 -24.36
CA CYS B 148 45.88 -24.23 -25.20
C CYS B 148 44.50 -23.57 -25.13
N ILE B 149 43.44 -24.37 -25.28
CA ILE B 149 42.06 -23.84 -25.20
C ILE B 149 41.84 -23.21 -23.85
N GLU B 150 42.23 -23.89 -22.77
CA GLU B 150 42.11 -23.29 -21.43
C GLU B 150 42.92 -21.99 -21.28
N SER B 151 44.08 -21.89 -21.94
CA SER B 151 44.89 -20.64 -21.88
C SER B 151 44.12 -19.46 -22.47
N ILE B 152 43.33 -19.73 -23.51
CA ILE B 152 42.49 -18.71 -24.13
C ILE B 152 41.36 -18.30 -23.17
N ARG B 153 40.68 -19.31 -22.61
CA ARG B 153 39.59 -19.08 -21.68
C ARG B 153 40.01 -18.37 -20.38
N ASN B 154 41.25 -18.57 -19.95
CA ASN B 154 41.70 -17.93 -18.72
C ASN B 154 42.62 -16.70 -18.90
N GLY B 155 42.76 -16.25 -20.15
CA GLY B 155 43.54 -15.06 -20.45
C GLY B 155 45.04 -15.20 -20.39
N THR B 156 45.60 -16.40 -20.50
CA THR B 156 47.06 -16.56 -20.50
C THR B 156 47.66 -16.93 -21.88
N TYR B 157 46.82 -17.04 -22.89
CA TYR B 157 47.26 -17.43 -24.24
C TYR B 157 48.27 -16.45 -24.78
N ASP B 158 49.43 -16.96 -25.18
CA ASP B 158 50.51 -16.14 -25.72
C ASP B 158 50.49 -16.36 -27.22
N HIS B 159 49.98 -15.37 -27.95
CA HIS B 159 49.79 -15.52 -29.39
C HIS B 159 51.12 -15.68 -30.14
N ASP B 160 52.20 -15.13 -29.58
CA ASP B 160 53.50 -15.20 -30.25
C ASP B 160 54.04 -16.62 -30.36
N VAL B 161 53.63 -17.49 -29.44
CA VAL B 161 54.06 -18.89 -29.43
C VAL B 161 53.61 -19.60 -30.70
N TYR B 162 52.41 -19.25 -31.17
CA TYR B 162 51.77 -19.98 -32.27
C TYR B 162 51.73 -19.21 -33.58
N ARG B 163 52.22 -17.96 -33.58
CA ARG B 163 52.01 -17.07 -34.73
C ARG B 163 52.62 -17.59 -36.04
N ASP B 164 53.87 -18.09 -36.02
CA ASP B 164 54.50 -18.60 -37.25
C ASP B 164 53.68 -19.73 -37.88
N GLU B 165 53.26 -20.67 -37.03
CA GLU B 165 52.44 -21.80 -37.45
C GLU B 165 51.12 -21.30 -38.06
N ALA B 166 50.46 -20.38 -37.36
CA ALA B 166 49.16 -19.86 -37.80
C ALA B 166 49.23 -19.08 -39.11
N LEU B 167 50.21 -18.19 -39.22
CA LEU B 167 50.40 -17.44 -40.46
C LEU B 167 50.68 -18.34 -41.66
N ASN B 168 51.54 -19.34 -41.47
CA ASN B 168 51.78 -20.31 -42.52
C ASN B 168 50.43 -20.97 -42.95
N ASN B 169 49.60 -21.39 -41.99
CA ASN B 169 48.33 -22.04 -42.32
C ASN B 169 47.30 -21.09 -42.96
N ARG B 170 47.22 -19.86 -42.45
CA ARG B 170 46.27 -18.88 -42.96
C ARG B 170 46.53 -18.44 -44.38
N PHE B 171 47.80 -18.17 -44.67
CA PHE B 171 48.17 -17.52 -45.92
C PHE B 171 48.80 -18.49 -46.91
N GLN B 172 48.51 -19.78 -46.70
CA GLN B 172 48.83 -20.86 -47.63
C GLN B 172 48.02 -20.71 -48.93
N ILE B 173 48.31 -21.59 -49.90
CA ILE B 173 47.61 -21.63 -51.18
C ILE B 173 47.27 -23.08 -51.52
#